data_5Z67
#
_entry.id   5Z67
#
_cell.length_a   49.839
_cell.length_b   95.780
_cell.length_c   167.456
_cell.angle_alpha   90.00
_cell.angle_beta   90.00
_cell.angle_gamma   90.00
#
_symmetry.space_group_name_H-M   'C 2 2 21'
#
loop_
_entity.id
_entity.type
_entity.pdbx_description
1 polymer 'DNA replication and repair protein RecF'
2 water water
#
_entity_poly.entity_id   1
_entity_poly.type   'polypeptide(L)'
_entity_poly.pdbx_seq_one_letter_code
;ASMYLKEIFVDNFRNLKKQKLEFCEGVNLIYGLNAQGKSNLLEAIRLLSMGRSFRGSKMSELVKFDEEYFYVRGLVRSAD
FYEKKIEFGYKVNGNKVIKVNGNKLKSTGEILGHFLTVIFSPEDIEIIKEGPSRRRKYLDACISVIDKNYFFDLLQYNKT
LSNRNSLLKKIKEEGKGEDLLEIFDEKLAEYGARIIKVRNNYLEKLKNSMSKFLMEISNEKLEIIYLNSAGVKEVHEENL
IREKLKNRLTKSLTLDLKYLSTQVGPHREDFKILINGYDSRVYSSQGQKRTAALCLKLSELEILEEETGEKPVLLLDDVM
SELDDNRKKYILKKLEGFQSFITHTSKSDVEGDCCFKIYDGIVDKLA
;
_entity_poly.pdbx_strand_id   A
#
# COMPACT_ATOMS: atom_id res chain seq x y z
N ALA A 1 22.77 5.06 -2.71
CA ALA A 1 22.37 5.79 -1.49
C ALA A 1 20.91 5.60 -1.15
N SER A 2 20.65 5.01 0.01
CA SER A 2 19.28 4.66 0.37
C SER A 2 18.42 5.87 0.64
N MET A 3 17.11 5.67 0.69
CA MET A 3 16.20 6.75 1.01
C MET A 3 16.41 7.05 2.49
N TYR A 4 16.30 8.32 2.84
CA TYR A 4 16.57 8.70 4.20
C TYR A 4 15.79 9.96 4.50
N LEU A 5 14.94 9.89 5.52
CA LEU A 5 14.18 11.04 5.95
C LEU A 5 15.05 11.81 6.96
N LYS A 6 15.61 12.94 6.54
CA LYS A 6 16.51 13.70 7.39
C LYS A 6 15.72 14.48 8.42
N GLU A 7 14.49 14.83 8.07
CA GLU A 7 13.75 15.79 8.87
C GLU A 7 12.29 15.79 8.49
N ILE A 8 11.41 15.92 9.47
CA ILE A 8 10.01 16.17 9.16
C ILE A 8 9.48 17.33 10.03
N PHE A 9 8.65 18.16 9.43
CA PHE A 9 7.96 19.26 10.12
C PHE A 9 6.48 18.95 10.08
N VAL A 10 5.84 18.97 11.25
CA VAL A 10 4.38 18.73 11.34
C VAL A 10 3.68 19.90 11.99
N ASP A 11 2.58 20.32 11.40
CA ASP A 11 1.79 21.43 11.88
C ASP A 11 0.29 21.11 11.85
N ASN A 12 -0.35 21.17 13.02
CA ASN A 12 -1.76 20.84 13.15
C ASN A 12 -2.07 19.41 12.71
N PHE A 13 -1.07 18.54 12.78
CA PHE A 13 -1.29 17.18 12.32
C PHE A 13 -1.74 16.31 13.49
N ARG A 14 -3.01 15.87 13.40
CA ARG A 14 -3.65 15.04 14.41
C ARG A 14 -3.43 15.62 15.79
N ASN A 15 -2.74 14.89 16.66
CA ASN A 15 -2.46 15.36 18.02
C ASN A 15 -1.00 15.76 18.26
N LEU A 16 -0.20 15.75 17.21
CA LEU A 16 1.19 16.19 17.34
C LEU A 16 1.27 17.70 17.47
N LYS A 17 2.02 18.20 18.46
CA LYS A 17 2.26 19.64 18.53
C LYS A 17 3.05 20.09 17.31
N LYS A 18 3.00 21.37 17.00
CA LYS A 18 3.80 21.89 15.91
C LYS A 18 5.29 21.71 16.24
N GLN A 19 6.01 21.04 15.35
CA GLN A 19 7.41 20.76 15.62
C GLN A 19 8.11 20.30 14.36
N LYS A 20 9.42 20.50 14.34
CA LYS A 20 10.32 20.00 13.32
C LYS A 20 11.25 18.99 14.00
N LEU A 21 11.33 17.80 13.44
CA LEU A 21 12.11 16.70 14.01
C LEU A 21 13.25 16.30 13.10
N GLU A 22 14.43 16.02 13.64
CA GLU A 22 15.55 15.53 12.83
C GLU A 22 15.90 14.10 13.19
N PHE A 23 16.15 13.25 12.19
CA PHE A 23 16.33 11.82 12.45
C PHE A 23 17.71 11.29 12.07
N CYS A 24 17.98 10.05 12.47
CA CYS A 24 19.27 9.43 12.23
C CYS A 24 19.17 8.27 11.26
N GLU A 25 20.33 7.79 10.87
CA GLU A 25 20.46 6.58 10.08
C GLU A 25 20.31 5.37 10.99
N GLY A 26 19.93 4.25 10.39
CA GLY A 26 19.62 3.08 11.17
C GLY A 26 18.29 3.25 11.88
N VAL A 27 18.21 2.66 13.08
CA VAL A 27 16.94 2.50 13.77
C VAL A 27 16.59 3.74 14.57
N ASN A 28 15.43 4.33 14.25
CA ASN A 28 14.93 5.43 15.07
C ASN A 28 13.84 4.87 15.96
N LEU A 29 14.17 4.69 17.23
CA LEU A 29 13.24 4.13 18.20
C LEU A 29 12.36 5.26 18.71
N ILE A 30 11.05 5.15 18.48
CA ILE A 30 10.12 6.09 19.06
C ILE A 30 9.27 5.40 20.11
N TYR A 31 9.47 5.75 21.37
CA TYR A 31 8.72 5.09 22.43
C TYR A 31 7.86 6.09 23.19
N GLY A 32 6.80 5.58 23.79
CA GLY A 32 5.88 6.41 24.54
C GLY A 32 4.71 5.57 24.98
N LEU A 33 3.82 6.16 25.78
CA LEU A 33 2.67 5.43 26.31
C LEU A 33 1.37 5.70 25.55
N ASN A 34 1.39 6.71 24.69
CA ASN A 34 0.20 7.02 23.91
C ASN A 34 0.09 6.18 22.63
N ALA A 35 -1.13 5.79 22.26
CA ALA A 35 -1.38 5.07 21.01
C ALA A 35 -1.29 5.99 19.79
N GLN A 36 -2.18 6.98 19.74
CA GLN A 36 -2.23 7.94 18.63
C GLN A 36 -0.87 8.56 18.40
N GLY A 37 -0.27 9.16 19.44
CA GLY A 37 1.00 9.87 19.34
C GLY A 37 2.04 9.25 18.44
N LYS A 38 2.44 8.02 18.78
CA LYS A 38 3.46 7.27 18.02
C LYS A 38 3.04 6.95 16.60
N SER A 39 1.85 6.39 16.45
CA SER A 39 1.49 5.99 15.09
C SER A 39 1.08 7.21 14.26
N ASN A 40 0.68 8.30 14.92
CA ASN A 40 0.40 9.53 14.18
C ASN A 40 1.66 10.05 13.50
N LEU A 41 2.79 9.94 14.18
CA LEU A 41 4.05 10.34 13.59
C LEU A 41 4.32 9.46 12.36
N LEU A 42 4.13 8.16 12.52
CA LEU A 42 4.28 7.27 11.37
C LEU A 42 3.31 7.64 10.25
N GLU A 43 2.08 8.04 10.61
CA GLU A 43 1.10 8.43 9.61
C GLU A 43 1.55 9.62 8.77
N ALA A 44 2.18 10.59 9.43
CA ALA A 44 2.67 11.80 8.77
C ALA A 44 3.83 11.47 7.83
N ILE A 45 4.69 10.57 8.28
CA ILE A 45 5.79 10.14 7.41
C ILE A 45 5.24 9.37 6.20
N ARG A 46 4.36 8.41 6.45
CA ARG A 46 3.82 7.58 5.39
C ARG A 46 3.02 8.43 4.39
N LEU A 47 2.43 9.52 4.87
CA LEU A 47 1.68 10.44 4.03
C LEU A 47 2.58 11.02 2.91
N LEU A 48 3.84 11.28 3.22
CA LEU A 48 4.75 11.85 2.22
C LEU A 48 5.06 10.87 1.09
N SER A 49 4.80 9.59 1.31
CA SER A 49 4.96 8.56 0.28
C SER A 49 3.73 8.37 -0.57
N MET A 50 2.57 8.43 0.07
CA MET A 50 1.35 7.91 -0.51
C MET A 50 0.33 8.98 -0.84
N GLY A 51 0.47 10.14 -0.21
CA GLY A 51 -0.52 11.19 -0.36
C GLY A 51 -1.87 10.86 0.28
N ARG A 52 -1.85 9.96 1.25
CA ARG A 52 -3.06 9.58 2.01
C ARG A 52 -2.67 8.93 3.35
N SER A 53 -3.66 8.81 4.24
CA SER A 53 -3.50 8.13 5.53
C SER A 53 -3.48 6.62 5.38
N PHE A 54 -2.50 5.94 6.00
CA PHE A 54 -2.43 4.47 5.86
C PHE A 54 -3.50 3.82 6.71
N ARG A 55 -4.02 4.57 7.68
CA ARG A 55 -5.08 4.09 8.54
CA ARG A 55 -5.09 4.11 8.54
C ARG A 55 -6.39 3.95 7.77
N GLY A 56 -6.48 4.67 6.65
CA GLY A 56 -7.64 4.65 5.78
C GLY A 56 -8.46 5.89 6.04
N SER A 57 -7.93 6.76 6.88
CA SER A 57 -8.69 7.92 7.35
C SER A 57 -8.88 8.98 6.26
N LYS A 58 -10.00 9.70 6.34
CA LYS A 58 -10.21 10.84 5.45
C LYS A 58 -9.35 12.01 5.90
N MET A 59 -9.04 12.89 4.96
CA MET A 59 -8.15 14.04 5.21
C MET A 59 -8.63 14.98 6.32
N SER A 60 -9.92 15.23 6.37
CA SER A 60 -10.47 16.13 7.37
C SER A 60 -10.24 15.60 8.78
N GLU A 61 -10.18 14.28 8.91
CA GLU A 61 -9.88 13.62 10.18
C GLU A 61 -8.43 13.81 10.63
N LEU A 62 -7.55 14.21 9.72
CA LEU A 62 -6.13 14.40 10.06
C LEU A 62 -5.84 15.79 10.62
N VAL A 63 -6.70 16.77 10.31
CA VAL A 63 -6.54 18.11 10.86
C VAL A 63 -6.79 18.10 12.38
N LYS A 64 -5.91 18.75 13.12
CA LYS A 64 -6.10 18.99 14.55
C LYS A 64 -7.50 19.50 14.86
N PHE A 65 -8.14 18.96 15.89
CA PHE A 65 -9.50 19.37 16.27
C PHE A 65 -9.65 20.89 16.32
N ASP A 66 -10.67 21.40 15.63
CA ASP A 66 -10.98 22.84 15.58
C ASP A 66 -9.95 23.72 14.86
N GLU A 67 -9.11 23.13 14.01
CA GLU A 67 -8.19 23.92 13.20
C GLU A 67 -8.67 23.89 11.75
N GLU A 68 -8.13 24.78 10.91
CA GLU A 68 -8.60 24.87 9.54
C GLU A 68 -7.66 24.22 8.52
N TYR A 69 -6.51 23.73 8.98
CA TYR A 69 -5.57 23.09 8.06
C TYR A 69 -4.61 22.17 8.80
N PHE A 70 -3.94 21.30 8.06
CA PHE A 70 -2.69 20.71 8.52
C PHE A 70 -1.64 20.81 7.43
N TYR A 71 -0.39 20.57 7.80
CA TYR A 71 0.73 20.76 6.89
C TYR A 71 1.89 19.89 7.34
N VAL A 72 2.46 19.14 6.39
CA VAL A 72 3.60 18.28 6.67
C VAL A 72 4.68 18.53 5.63
N ARG A 73 5.93 18.71 6.07
CA ARG A 73 7.05 18.90 5.13
C ARG A 73 8.15 17.92 5.50
N GLY A 74 8.58 17.09 4.56
CA GLY A 74 9.72 16.24 4.81
C GLY A 74 10.91 16.67 3.99
N LEU A 75 12.12 16.42 4.50
CA LEU A 75 13.33 16.57 3.70
C LEU A 75 13.94 15.20 3.48
N VAL A 76 14.14 14.79 2.22
CA VAL A 76 14.60 13.44 2.03
C VAL A 76 15.82 13.31 1.12
N ARG A 77 16.73 12.43 1.51
CA ARG A 77 17.85 12.09 0.67
C ARG A 77 17.51 10.81 -0.09
N SER A 78 17.82 10.76 -1.37
CA SER A 78 17.64 9.52 -2.15
C SER A 78 18.77 9.39 -3.14
N ALA A 79 18.65 8.45 -4.08
CA ALA A 79 19.74 8.16 -5.03
C ALA A 79 20.17 9.38 -5.82
N ASP A 80 19.19 10.19 -6.25
CA ASP A 80 19.49 11.33 -7.10
C ASP A 80 19.35 12.69 -6.40
N PHE A 81 19.14 12.69 -5.09
CA PHE A 81 18.90 13.93 -4.37
C PHE A 81 19.62 13.99 -3.02
N TYR A 82 20.44 15.01 -2.85
CA TYR A 82 21.03 15.32 -1.56
C TYR A 82 19.91 15.69 -0.60
N GLU A 83 18.95 16.49 -1.07
CA GLU A 83 17.86 16.92 -0.20
C GLU A 83 16.64 17.45 -0.95
N LYS A 84 15.68 16.55 -1.14
CA LYS A 84 14.42 16.86 -1.81
C LYS A 84 13.40 17.29 -0.77
N LYS A 85 12.69 18.36 -1.05
CA LYS A 85 11.64 18.80 -0.14
C LYS A 85 10.28 18.32 -0.65
N ILE A 86 9.54 17.62 0.20
CA ILE A 86 8.17 17.21 -0.10
C ILE A 86 7.20 17.85 0.89
N GLU A 87 6.21 18.56 0.37
CA GLU A 87 5.23 19.27 1.19
C GLU A 87 3.83 18.75 0.91
N PHE A 88 3.06 18.50 1.97
CA PHE A 88 1.68 18.11 1.83
C PHE A 88 0.84 19.01 2.76
N GLY A 89 -0.02 19.82 2.16
CA GLY A 89 -0.90 20.69 2.93
C GLY A 89 -2.33 20.38 2.59
N TYR A 90 -3.20 20.44 3.60
CA TYR A 90 -4.63 20.30 3.39
C TYR A 90 -5.38 21.39 4.17
N LYS A 91 -6.26 22.11 3.51
CA LYS A 91 -7.11 23.09 4.17
C LYS A 91 -8.54 22.54 4.19
N VAL A 92 -9.28 22.69 5.30
CA VAL A 92 -10.59 22.05 5.45
C VAL A 92 -11.57 22.41 4.32
N ASN A 93 -11.18 23.42 3.54
CA ASN A 93 -11.68 23.63 2.18
C ASN A 93 -12.00 22.33 1.46
N GLY A 94 -10.98 21.51 1.29
CA GLY A 94 -11.09 20.32 0.47
C GLY A 94 -10.21 20.48 -0.75
N ASN A 95 -8.96 20.82 -0.49
CA ASN A 95 -7.93 20.71 -1.51
C ASN A 95 -6.59 20.35 -0.88
N LYS A 96 -5.97 19.29 -1.38
CA LYS A 96 -4.60 18.98 -1.01
C LYS A 96 -3.71 19.83 -1.88
N VAL A 97 -2.70 20.45 -1.28
CA VAL A 97 -1.60 21.07 -2.00
C VAL A 97 -0.31 20.27 -1.78
N ILE A 98 0.21 19.65 -2.83
CA ILE A 98 1.42 18.86 -2.72
C ILE A 98 2.51 19.42 -3.62
N LYS A 99 3.69 19.63 -3.04
CA LYS A 99 4.84 20.18 -3.75
C LYS A 99 6.10 19.34 -3.55
N VAL A 100 6.82 19.12 -4.65
CA VAL A 100 8.14 18.52 -4.59
C VAL A 100 9.16 19.52 -5.11
N ASN A 101 10.14 19.82 -4.27
CA ASN A 101 11.10 20.90 -4.56
C ASN A 101 10.44 22.15 -5.07
N GLY A 102 9.30 22.49 -4.47
CA GLY A 102 8.60 23.73 -4.79
C GLY A 102 7.61 23.67 -5.95
N ASN A 103 7.67 22.61 -6.76
CA ASN A 103 6.68 22.45 -7.82
C ASN A 103 5.41 21.73 -7.37
N LYS A 104 4.28 22.43 -7.48
CA LYS A 104 2.95 21.85 -7.19
C LYS A 104 2.62 20.70 -8.16
N LEU A 105 2.20 19.56 -7.61
CA LEU A 105 1.79 18.45 -8.46
C LEU A 105 0.34 18.61 -8.90
N LYS A 106 0.04 18.18 -10.13
CA LYS A 106 -1.31 18.27 -10.68
C LYS A 106 -2.28 17.30 -10.00
N SER A 107 -1.85 16.05 -9.81
CA SER A 107 -2.69 15.04 -9.15
C SER A 107 -1.93 14.38 -8.01
N THR A 108 -2.66 13.95 -6.98
CA THR A 108 -2.07 13.30 -5.81
C THR A 108 -1.18 12.12 -6.18
N GLY A 109 -1.68 11.29 -7.09
CA GLY A 109 -0.98 10.13 -7.59
C GLY A 109 0.45 10.39 -8.04
N GLU A 110 0.73 11.65 -8.35
CA GLU A 110 2.04 12.13 -8.78
C GLU A 110 3.09 12.07 -7.66
N ILE A 111 2.66 12.00 -6.42
CA ILE A 111 3.53 11.93 -5.30
C ILE A 111 4.28 10.63 -5.28
N LEU A 112 3.70 9.60 -5.85
CA LEU A 112 4.22 8.27 -5.76
C LEU A 112 5.62 8.16 -6.33
N GLY A 113 6.46 7.55 -5.54
CA GLY A 113 7.84 7.41 -5.84
C GLY A 113 8.78 8.47 -5.36
N HIS A 114 8.36 9.63 -4.82
CA HIS A 114 9.47 10.52 -4.57
C HIS A 114 10.16 10.10 -3.28
N PHE A 115 9.38 9.47 -2.40
CA PHE A 115 9.88 9.05 -1.12
C PHE A 115 9.30 7.69 -0.84
N LEU A 116 10.16 6.65 -0.90
CA LEU A 116 9.68 5.26 -0.71
C LEU A 116 9.70 4.79 0.76
N THR A 117 8.58 4.24 1.21
CA THR A 117 8.54 3.60 2.50
C THR A 117 7.84 2.27 2.40
N VAL A 118 8.07 1.39 3.35
CA VAL A 118 7.20 0.25 3.52
CA VAL A 118 7.15 0.28 3.51
C VAL A 118 6.79 0.22 4.98
N ILE A 119 5.48 0.15 5.23
CA ILE A 119 5.00 0.21 6.59
C ILE A 119 4.53 -1.17 7.00
N PHE A 120 5.01 -1.60 8.16
CA PHE A 120 4.63 -2.84 8.79
C PHE A 120 3.66 -2.49 9.93
N SER A 121 2.58 -3.26 10.07
CA SER A 121 1.74 -3.16 11.26
C SER A 121 1.14 -4.53 11.58
N PRO A 122 0.67 -4.70 12.83
CA PRO A 122 -0.02 -5.96 13.16
C PRO A 122 -1.27 -6.18 12.31
N GLU A 123 -1.84 -5.09 11.75
CA GLU A 123 -3.00 -5.13 10.89
C GLU A 123 -2.74 -5.85 9.55
N ASP A 124 -1.48 -6.01 9.19
CA ASP A 124 -1.15 -6.70 7.94
C ASP A 124 -1.70 -8.14 7.86
N ILE A 125 -2.00 -8.71 9.02
CA ILE A 125 -2.56 -10.05 9.07
C ILE A 125 -3.97 -10.09 8.41
N GLU A 126 -4.65 -8.96 8.40
CA GLU A 126 -5.94 -8.84 7.71
C GLU A 126 -5.82 -9.07 6.21
N ILE A 127 -4.63 -8.82 5.65
CA ILE A 127 -4.45 -9.05 4.22
C ILE A 127 -4.53 -10.56 3.97
N ILE A 128 -4.05 -11.35 4.93
CA ILE A 128 -4.17 -12.82 4.89
C ILE A 128 -5.58 -13.26 5.21
N LYS A 129 -6.13 -12.69 6.29
CA LYS A 129 -7.36 -13.19 6.89
C LYS A 129 -8.65 -12.74 6.23
N GLU A 130 -8.66 -11.62 5.52
CA GLU A 130 -9.96 -11.06 5.10
C GLU A 130 -10.29 -11.39 3.65
N GLY A 131 -11.25 -10.67 3.08
CA GLY A 131 -11.75 -10.98 1.74
C GLY A 131 -10.91 -10.42 0.61
N PRO A 132 -11.36 -10.65 -0.64
CA PRO A 132 -10.69 -10.21 -1.87
C PRO A 132 -10.47 -8.69 -1.91
N SER A 133 -11.44 -7.96 -1.38
CA SER A 133 -11.37 -6.50 -1.32
C SER A 133 -10.06 -6.01 -0.68
N ARG A 134 -9.72 -6.56 0.46
CA ARG A 134 -8.52 -6.18 1.18
C ARG A 134 -7.26 -6.52 0.37
N ARG A 135 -7.25 -7.68 -0.29
CA ARG A 135 -6.09 -8.10 -1.08
C ARG A 135 -5.92 -7.36 -2.41
N ARG A 136 -7.04 -7.03 -3.09
CA ARG A 136 -6.95 -6.20 -4.29
C ARG A 136 -6.38 -4.83 -3.95
N LYS A 137 -6.84 -4.24 -2.86
CA LYS A 137 -6.40 -2.90 -2.51
C LYS A 137 -4.90 -2.88 -2.11
N TYR A 138 -4.47 -3.90 -1.37
CA TYR A 138 -3.06 -4.05 -1.06
C TYR A 138 -2.24 -4.24 -2.34
N LEU A 139 -2.70 -5.14 -3.20
CA LEU A 139 -2.00 -5.42 -4.44
C LEU A 139 -1.90 -4.18 -5.35
N ASP A 140 -3.03 -3.50 -5.57
CA ASP A 140 -3.06 -2.25 -6.34
C ASP A 140 -2.08 -1.16 -5.83
N ALA A 141 -2.06 -0.93 -4.52
CA ALA A 141 -1.12 0.02 -3.93
C ALA A 141 0.36 -0.41 -4.09
N CYS A 142 0.65 -1.70 -4.02
CA CYS A 142 2.04 -2.17 -4.15
C CYS A 142 2.55 -1.95 -5.55
N ILE A 143 1.72 -2.32 -6.52
CA ILE A 143 2.12 -2.20 -7.91
C ILE A 143 2.18 -0.73 -8.30
N SER A 144 1.25 0.08 -7.78
CA SER A 144 1.22 1.51 -8.19
C SER A 144 2.42 2.28 -7.73
N VAL A 145 3.03 1.88 -6.64
CA VAL A 145 4.21 2.61 -6.18
C VAL A 145 5.37 2.41 -7.17
N ILE A 146 5.39 1.25 -7.81
CA ILE A 146 6.48 0.86 -8.70
C ILE A 146 6.19 1.31 -10.10
N ASP A 147 4.94 1.11 -10.52
CA ASP A 147 4.56 1.22 -11.91
C ASP A 147 3.51 2.30 -12.19
N LYS A 148 3.97 3.46 -12.64
CA LYS A 148 3.08 4.57 -12.98
C LYS A 148 2.07 4.23 -14.10
N ASN A 149 2.49 3.46 -15.09
CA ASN A 149 1.60 3.02 -16.17
C ASN A 149 0.42 2.23 -15.61
N TYR A 150 0.72 1.32 -14.67
CA TYR A 150 -0.33 0.52 -14.04
C TYR A 150 -1.26 1.43 -13.26
N PHE A 151 -0.67 2.39 -12.56
CA PHE A 151 -1.47 3.34 -11.80
C PHE A 151 -2.43 4.10 -12.74
N PHE A 152 -1.89 4.53 -13.88
CA PHE A 152 -2.67 5.20 -14.93
C PHE A 152 -3.83 4.32 -15.39
N ASP A 153 -3.53 3.05 -15.69
CA ASP A 153 -4.55 2.13 -16.22
C ASP A 153 -5.67 1.87 -15.20
N LEU A 154 -5.28 1.81 -13.93
CA LEU A 154 -6.23 1.45 -12.88
C LEU A 154 -7.20 2.62 -12.66
N LEU A 155 -6.66 3.82 -12.68
CA LEU A 155 -7.45 5.05 -12.58
C LEU A 155 -8.50 5.11 -13.69
N GLN A 156 -8.06 4.89 -14.92
CA GLN A 156 -8.97 4.87 -16.08
CA GLN A 156 -9.00 4.90 -16.04
C GLN A 156 -9.97 3.73 -15.97
N TYR A 157 -9.47 2.55 -15.58
CA TYR A 157 -10.33 1.39 -15.46
C TYR A 157 -11.43 1.68 -14.45
N ASN A 158 -11.06 2.19 -13.28
CA ASN A 158 -12.04 2.42 -12.24
C ASN A 158 -13.03 3.52 -12.61
N LYS A 159 -12.53 4.57 -13.27
CA LYS A 159 -13.42 5.58 -13.82
C LYS A 159 -14.45 4.99 -14.80
N THR A 160 -13.99 4.18 -15.75
CA THR A 160 -14.91 3.56 -16.70
C THR A 160 -15.90 2.63 -15.99
N LEU A 161 -15.42 1.92 -14.97
CA LEU A 161 -16.25 1.00 -14.22
C LEU A 161 -17.44 1.72 -13.56
N SER A 162 -17.19 2.83 -12.88
CA SER A 162 -18.33 3.55 -12.29
C SER A 162 -19.26 4.14 -13.34
N ASN A 163 -18.71 4.63 -14.46
CA ASN A 163 -19.52 5.14 -15.56
C ASN A 163 -20.43 4.04 -16.10
N ARG A 164 -19.86 2.85 -16.25
CA ARG A 164 -20.64 1.72 -16.72
C ARG A 164 -21.72 1.37 -15.71
N ASN A 165 -21.38 1.33 -14.42
CA ASN A 165 -22.37 0.94 -13.42
C ASN A 165 -23.54 1.93 -13.38
N SER A 166 -23.26 3.22 -13.53
CA SER A 166 -24.38 4.16 -13.52
C SER A 166 -25.16 4.08 -14.84
N LEU A 167 -24.50 3.76 -15.95
CA LEU A 167 -25.22 3.60 -17.22
C LEU A 167 -26.16 2.40 -17.17
N LEU A 168 -25.75 1.34 -16.47
CA LEU A 168 -26.62 0.18 -16.32
C LEU A 168 -27.97 0.61 -15.75
N LYS A 169 -27.95 1.51 -14.77
CA LYS A 169 -29.18 2.03 -14.17
C LYS A 169 -30.02 2.84 -15.15
N LYS A 170 -29.36 3.65 -15.97
CA LYS A 170 -30.06 4.40 -17.02
C LYS A 170 -30.63 3.44 -18.06
N ILE A 171 -29.87 2.41 -18.41
CA ILE A 171 -30.38 1.46 -19.38
C ILE A 171 -31.58 0.71 -18.80
N LYS A 172 -31.64 0.56 -17.46
CA LYS A 172 -32.79 -0.11 -16.84
C LYS A 172 -34.03 0.76 -16.77
N GLU A 173 -33.88 2.03 -16.38
CA GLU A 173 -35.02 2.95 -16.27
C GLU A 173 -35.60 3.29 -17.65
N GLU A 174 -34.76 3.85 -18.49
CA GLU A 174 -35.08 4.11 -19.89
C GLU A 174 -34.52 2.96 -20.70
N GLY A 175 -34.29 3.11 -22.00
CA GLY A 175 -33.57 2.07 -22.72
C GLY A 175 -32.25 2.61 -23.20
N LYS A 176 -31.92 2.30 -24.44
CA LYS A 176 -30.86 3.00 -25.17
C LYS A 176 -29.51 2.69 -24.57
N GLY A 177 -28.58 3.65 -24.61
CA GLY A 177 -27.26 3.47 -24.00
C GLY A 177 -26.39 2.34 -24.60
N GLU A 178 -26.94 1.63 -25.59
CA GLU A 178 -26.27 0.49 -26.22
C GLU A 178 -24.92 0.91 -26.78
N ASP A 179 -24.86 2.10 -27.37
CA ASP A 179 -23.57 2.60 -27.79
C ASP A 179 -22.60 2.90 -26.66
N LEU A 180 -23.01 3.54 -25.57
CA LEU A 180 -22.01 3.85 -24.57
C LEU A 180 -21.63 2.51 -23.96
N LEU A 181 -22.53 1.53 -23.99
CA LEU A 181 -22.25 0.25 -23.34
C LEU A 181 -21.12 -0.49 -24.06
N GLU A 182 -21.15 -0.46 -25.39
CA GLU A 182 -20.06 -1.01 -26.18
C GLU A 182 -18.75 -0.29 -25.92
N ILE A 183 -18.82 1.04 -25.93
CA ILE A 183 -17.64 1.87 -25.68
C ILE A 183 -17.03 1.57 -24.31
N PHE A 184 -17.87 1.39 -23.29
CA PHE A 184 -17.39 1.06 -21.95
C PHE A 184 -16.86 -0.38 -21.90
N ASP A 185 -17.57 -1.33 -22.53
CA ASP A 185 -17.09 -2.71 -22.54
C ASP A 185 -15.70 -2.81 -23.14
N GLU A 186 -15.52 -2.17 -24.30
CA GLU A 186 -14.23 -2.13 -24.99
C GLU A 186 -13.13 -1.57 -24.11
N LYS A 187 -13.44 -0.50 -23.37
CA LYS A 187 -12.44 0.16 -22.53
C LYS A 187 -12.11 -0.70 -21.29
N LEU A 188 -13.14 -1.24 -20.65
CA LEU A 188 -12.90 -2.14 -19.55
C LEU A 188 -12.03 -3.32 -19.99
N ALA A 189 -12.28 -3.86 -21.18
CA ALA A 189 -11.51 -5.03 -21.62
C ALA A 189 -10.07 -4.61 -21.92
N GLU A 190 -9.92 -3.44 -22.54
CA GLU A 190 -8.58 -2.93 -22.86
C GLU A 190 -7.74 -2.64 -21.60
N TYR A 191 -8.31 -1.89 -20.68
CA TYR A 191 -7.59 -1.58 -19.45
C TYR A 191 -7.47 -2.81 -18.58
N GLY A 192 -8.51 -3.65 -18.57
CA GLY A 192 -8.50 -4.84 -17.77
C GLY A 192 -7.36 -5.79 -18.12
N ALA A 193 -7.19 -6.05 -19.42
CA ALA A 193 -6.12 -6.93 -19.88
C ALA A 193 -4.76 -6.46 -19.41
N ARG A 194 -4.53 -5.15 -19.43
CA ARG A 194 -3.21 -4.64 -19.01
C ARG A 194 -3.04 -4.76 -17.50
N ILE A 195 -4.12 -4.52 -16.76
CA ILE A 195 -4.10 -4.65 -15.33
C ILE A 195 -3.81 -6.11 -14.93
N ILE A 196 -4.46 -7.05 -15.63
CA ILE A 196 -4.28 -8.47 -15.38
C ILE A 196 -2.87 -8.91 -15.67
N LYS A 197 -2.28 -8.44 -16.78
CA LYS A 197 -0.95 -8.85 -17.16
C LYS A 197 0.07 -8.38 -16.11
N VAL A 198 -0.07 -7.13 -15.68
CA VAL A 198 0.84 -6.61 -14.67
C VAL A 198 0.62 -7.30 -13.33
N ARG A 199 -0.64 -7.55 -12.96
CA ARG A 199 -0.87 -8.24 -11.70
C ARG A 199 -0.23 -9.61 -11.69
N ASN A 200 -0.36 -10.32 -12.81
CA ASN A 200 0.20 -11.67 -12.92
C ASN A 200 1.72 -11.65 -12.71
N ASN A 201 2.36 -10.70 -13.37
CA ASN A 201 3.78 -10.47 -13.24
C ASN A 201 4.21 -10.18 -11.81
N TYR A 202 3.52 -9.27 -11.13
CA TYR A 202 3.85 -8.96 -9.74
C TYR A 202 3.68 -10.19 -8.81
N LEU A 203 2.57 -10.91 -8.97
CA LEU A 203 2.28 -12.03 -8.10
C LEU A 203 3.28 -13.15 -8.32
N GLU A 204 3.83 -13.26 -9.52
CA GLU A 204 4.88 -14.23 -9.75
C GLU A 204 6.14 -13.84 -8.97
N LYS A 205 6.48 -12.57 -9.00
CA LYS A 205 7.59 -12.10 -8.16
C LYS A 205 7.26 -12.25 -6.67
N LEU A 206 6.04 -11.91 -6.27
CA LEU A 206 5.63 -12.03 -4.89
C LEU A 206 5.80 -13.47 -4.43
N LYS A 207 5.34 -14.41 -5.27
CA LYS A 207 5.42 -15.82 -4.94
C LYS A 207 6.86 -16.25 -4.71
N ASN A 208 7.75 -15.88 -5.63
CA ASN A 208 9.17 -16.24 -5.53
C ASN A 208 9.86 -15.65 -4.31
N SER A 209 9.58 -14.38 -4.04
CA SER A 209 10.24 -13.70 -2.95
C SER A 209 9.66 -14.20 -1.61
N MET A 210 8.35 -14.36 -1.54
CA MET A 210 7.68 -14.76 -0.30
C MET A 210 8.04 -16.19 0.09
N SER A 211 8.22 -17.07 -0.89
CA SER A 211 8.60 -18.46 -0.65
CA SER A 211 8.55 -18.45 -0.58
C SER A 211 9.95 -18.56 0.02
N LYS A 212 10.86 -17.67 -0.40
CA LYS A 212 12.20 -17.67 0.16
C LYS A 212 12.15 -17.29 1.64
N PHE A 213 11.45 -16.19 1.96
CA PHE A 213 11.33 -15.75 3.34
C PHE A 213 10.64 -16.79 4.20
N LEU A 214 9.58 -17.38 3.69
CA LEU A 214 8.87 -18.37 4.47
C LEU A 214 9.78 -19.57 4.73
N MET A 215 10.50 -20.02 3.70
CA MET A 215 11.42 -21.14 3.87
C MET A 215 12.49 -20.79 4.92
N GLU A 216 13.02 -19.57 4.86
CA GLU A 216 13.95 -19.05 5.86
C GLU A 216 13.39 -19.05 7.28
N ILE A 217 12.18 -18.54 7.44
CA ILE A 217 11.63 -18.34 8.78
C ILE A 217 11.10 -19.60 9.44
N SER A 218 10.21 -20.31 8.73
N SER A 218 10.20 -20.31 8.75
CA SER A 218 9.47 -21.42 9.32
CA SER A 218 9.53 -21.45 9.39
C SER A 218 9.72 -22.74 8.60
C SER A 218 9.71 -22.73 8.59
N ASN A 219 10.60 -22.70 7.61
CA ASN A 219 10.77 -23.83 6.69
C ASN A 219 9.45 -24.33 6.08
N GLU A 220 8.56 -23.40 5.72
CA GLU A 220 7.27 -23.79 5.19
C GLU A 220 7.15 -23.45 3.70
N LYS A 221 6.18 -24.09 3.03
CA LYS A 221 6.03 -23.97 1.58
C LYS A 221 4.95 -22.96 1.18
N LEU A 222 5.30 -22.12 0.22
CA LEU A 222 4.40 -21.03 -0.16
C LEU A 222 3.94 -21.21 -1.62
N GLU A 223 2.65 -21.04 -1.86
CA GLU A 223 2.15 -21.00 -3.24
C GLU A 223 1.17 -19.83 -3.36
N ILE A 224 1.06 -19.27 -4.56
CA ILE A 224 0.07 -18.23 -4.81
C ILE A 224 -0.74 -18.49 -6.08
N ILE A 225 -2.05 -18.55 -5.92
CA ILE A 225 -2.94 -18.74 -7.05
C ILE A 225 -3.62 -17.42 -7.40
N TYR A 226 -3.44 -16.99 -8.64
CA TYR A 226 -4.08 -15.80 -9.18
C TYR A 226 -5.21 -16.21 -10.11
N LEU A 227 -6.42 -16.12 -9.58
CA LEU A 227 -7.63 -16.37 -10.34
C LEU A 227 -8.05 -15.06 -11.01
N ASN A 228 -7.65 -14.90 -12.27
CA ASN A 228 -7.94 -13.65 -12.95
C ASN A 228 -9.30 -13.71 -13.60
N SER A 229 -9.84 -12.55 -13.94
CA SER A 229 -11.22 -12.46 -14.41
C SER A 229 -11.42 -12.85 -15.89
N ALA A 230 -10.33 -13.01 -16.62
CA ALA A 230 -10.38 -13.50 -17.98
C ALA A 230 -10.41 -15.03 -18.04
N GLY A 231 -10.05 -15.67 -16.93
CA GLY A 231 -10.07 -17.11 -16.83
C GLY A 231 -9.06 -17.82 -17.71
N VAL A 232 -7.84 -17.26 -17.78
CA VAL A 232 -6.90 -17.62 -18.83
C VAL A 232 -5.71 -18.49 -18.43
N LYS A 233 -4.93 -18.04 -17.43
CA LYS A 233 -3.68 -18.70 -17.05
C LYS A 233 -2.70 -18.79 -18.20
N GLU A 234 -2.52 -17.68 -18.90
CA GLU A 234 -1.48 -17.54 -19.90
C GLU A 234 -0.90 -16.14 -19.76
N VAL A 235 -1.74 -15.14 -20.07
CA VAL A 235 -1.50 -13.76 -19.66
C VAL A 235 -0.18 -13.24 -20.30
N HIS A 236 0.18 -13.78 -21.46
CA HIS A 236 1.31 -13.27 -22.23
C HIS A 236 0.68 -12.31 -23.21
N GLU A 237 -0.17 -12.86 -24.06
CA GLU A 237 -0.76 -12.14 -25.17
C GLU A 237 -1.93 -11.30 -24.71
N GLU A 238 -1.73 -9.98 -24.68
CA GLU A 238 -2.74 -9.07 -24.16
C GLU A 238 -4.04 -9.14 -24.94
N ASN A 239 -3.93 -9.23 -26.26
CA ASN A 239 -5.12 -9.21 -27.10
C ASN A 239 -6.02 -10.42 -26.85
N LEU A 240 -5.43 -11.55 -26.47
CA LEU A 240 -6.19 -12.75 -26.10
C LEU A 240 -6.99 -12.51 -24.82
N ILE A 241 -6.36 -11.88 -23.83
CA ILE A 241 -7.03 -11.57 -22.58
C ILE A 241 -8.11 -10.52 -22.80
N ARG A 242 -7.76 -9.49 -23.55
CA ARG A 242 -8.71 -8.43 -23.91
CA ARG A 242 -8.69 -8.42 -23.93
C ARG A 242 -9.96 -9.01 -24.56
N GLU A 243 -9.77 -9.98 -25.43
CA GLU A 243 -10.87 -10.58 -26.14
C GLU A 243 -11.72 -11.45 -25.20
N LYS A 244 -11.07 -12.15 -24.26
CA LYS A 244 -11.78 -12.96 -23.27
C LYS A 244 -12.60 -12.06 -22.34
N LEU A 245 -12.02 -10.94 -21.92
CA LEU A 245 -12.77 -9.97 -21.13
C LEU A 245 -14.00 -9.48 -21.90
N LYS A 246 -13.79 -9.02 -23.12
CA LYS A 246 -14.88 -8.46 -23.93
C LYS A 246 -16.03 -9.47 -24.12
N ASN A 247 -15.70 -10.71 -24.46
CA ASN A 247 -16.72 -11.73 -24.63
C ASN A 247 -17.47 -12.01 -23.31
N ARG A 248 -16.73 -12.04 -22.21
CA ARG A 248 -17.37 -12.26 -20.91
C ARG A 248 -18.32 -11.12 -20.55
N LEU A 249 -17.88 -9.88 -20.77
CA LEU A 249 -18.74 -8.71 -20.52
C LEU A 249 -20.03 -8.81 -21.35
N THR A 250 -19.92 -9.22 -22.61
CA THR A 250 -21.11 -9.41 -23.43
C THR A 250 -22.04 -10.50 -22.87
N LYS A 251 -21.47 -11.61 -22.43
CA LYS A 251 -22.28 -12.75 -21.99
C LYS A 251 -22.97 -12.49 -20.64
N SER A 252 -22.47 -11.54 -19.87
CA SER A 252 -23.06 -11.29 -18.56
C SER A 252 -23.94 -10.05 -18.49
N LEU A 253 -24.39 -9.55 -19.63
CA LEU A 253 -25.23 -8.36 -19.62
C LEU A 253 -26.56 -8.55 -18.88
N THR A 254 -27.21 -9.69 -19.06
CA THR A 254 -28.48 -9.91 -18.38
C THR A 254 -28.26 -9.87 -16.84
N LEU A 255 -27.26 -10.56 -16.35
CA LEU A 255 -26.96 -10.52 -14.92
C LEU A 255 -26.59 -9.11 -14.45
N ASP A 256 -25.79 -8.38 -15.23
CA ASP A 256 -25.44 -7.00 -14.91
C ASP A 256 -26.66 -6.06 -14.82
N LEU A 257 -27.65 -6.26 -15.67
CA LEU A 257 -28.83 -5.42 -15.61
C LEU A 257 -29.72 -5.80 -14.42
N LYS A 258 -29.68 -7.06 -14.01
CA LYS A 258 -30.44 -7.46 -12.84
C LYS A 258 -29.87 -6.83 -11.55
N TYR A 259 -28.55 -6.73 -11.45
CA TYR A 259 -27.92 -6.27 -10.20
C TYR A 259 -27.51 -4.78 -10.30
N LEU A 260 -27.50 -4.23 -11.52
CA LEU A 260 -26.96 -2.90 -11.79
C LEU A 260 -25.49 -2.78 -11.35
N SER A 261 -24.70 -3.81 -11.65
CA SER A 261 -23.26 -3.75 -11.45
C SER A 261 -22.56 -4.68 -12.44
N THR A 262 -21.24 -4.70 -12.40
CA THR A 262 -20.45 -5.33 -13.43
C THR A 262 -19.75 -6.56 -12.89
N GLN A 263 -20.20 -7.71 -13.33
CA GLN A 263 -19.74 -8.94 -12.71
C GLN A 263 -18.33 -9.35 -13.16
N VAL A 264 -17.90 -8.96 -14.36
CA VAL A 264 -16.58 -9.44 -14.77
C VAL A 264 -15.55 -8.32 -14.88
N GLY A 265 -14.31 -8.67 -14.51
CA GLY A 265 -13.17 -7.77 -14.55
C GLY A 265 -12.34 -7.83 -13.28
N PRO A 266 -11.15 -7.21 -13.30
CA PRO A 266 -10.17 -7.27 -12.22
C PRO A 266 -10.64 -6.65 -10.91
N HIS A 267 -11.68 -5.82 -10.93
CA HIS A 267 -12.25 -5.29 -9.70
C HIS A 267 -12.96 -6.41 -8.91
N ARG A 268 -13.10 -7.58 -9.49
CA ARG A 268 -13.70 -8.70 -8.77
C ARG A 268 -12.69 -9.81 -8.44
N GLU A 269 -11.41 -9.60 -8.68
CA GLU A 269 -10.60 -10.81 -8.62
C GLU A 269 -9.86 -10.88 -7.31
N ASP A 270 -9.17 -11.99 -7.09
CA ASP A 270 -8.48 -12.21 -5.82
C ASP A 270 -7.21 -13.03 -6.06
N PHE A 271 -6.37 -13.14 -5.04
CA PHE A 271 -5.33 -14.16 -5.09
C PHE A 271 -5.26 -14.91 -3.79
N LYS A 272 -4.86 -16.15 -3.89
CA LYS A 272 -4.93 -17.11 -2.80
C LYS A 272 -3.52 -17.45 -2.39
N ILE A 273 -3.22 -17.18 -1.13
CA ILE A 273 -1.97 -17.57 -0.53
C ILE A 273 -2.11 -18.98 0.10
N LEU A 274 -1.33 -19.93 -0.39
CA LEU A 274 -1.35 -21.27 0.17
C LEU A 274 -0.14 -21.51 1.04
N ILE A 275 -0.37 -22.10 2.21
CA ILE A 275 0.70 -22.45 3.10
C ILE A 275 0.75 -23.95 3.31
N ASN A 276 1.88 -24.55 2.91
CA ASN A 276 2.02 -26.01 2.84
C ASN A 276 0.85 -26.65 2.12
N GLY A 277 0.35 -25.95 1.10
CA GLY A 277 -0.68 -26.46 0.23
C GLY A 277 -2.08 -26.19 0.75
N TYR A 278 -2.18 -25.57 1.93
CA TYR A 278 -3.50 -25.27 2.47
C TYR A 278 -3.82 -23.78 2.38
N ASP A 279 -5.09 -23.47 2.15
CA ASP A 279 -5.57 -22.10 2.06
C ASP A 279 -5.29 -21.37 3.37
N SER A 280 -4.43 -20.37 3.33
CA SER A 280 -4.05 -19.62 4.53
C SER A 280 -5.20 -18.85 5.21
N ARG A 281 -6.32 -18.62 4.53
CA ARG A 281 -7.39 -17.85 5.16
C ARG A 281 -8.29 -18.72 6.02
N VAL A 282 -8.60 -19.93 5.58
CA VAL A 282 -9.49 -20.80 6.34
C VAL A 282 -8.82 -21.97 7.09
N TYR A 283 -7.58 -22.32 6.73
CA TYR A 283 -6.95 -23.53 7.33
C TYR A 283 -5.81 -23.21 8.28
N SER A 284 -4.94 -22.30 7.89
CA SER A 284 -3.72 -22.06 8.65
C SER A 284 -4.00 -21.54 10.07
N SER A 285 -3.09 -21.83 11.00
CA SER A 285 -3.19 -21.26 12.32
C SER A 285 -2.84 -19.77 12.32
N GLN A 286 -3.14 -19.11 13.44
CA GLN A 286 -2.86 -17.69 13.58
C GLN A 286 -1.36 -17.39 13.51
N GLY A 287 -0.57 -18.25 14.14
CA GLY A 287 0.87 -18.10 14.11
C GLY A 287 1.37 -18.11 12.68
N GLN A 288 0.86 -19.05 11.89
CA GLN A 288 1.20 -19.15 10.47
C GLN A 288 0.79 -17.92 9.68
N LYS A 289 -0.40 -17.38 9.99
CA LYS A 289 -0.92 -16.20 9.32
C LYS A 289 -0.03 -15.00 9.63
N ARG A 290 0.37 -14.91 10.90
CA ARG A 290 1.22 -13.81 11.36
CA ARG A 290 1.24 -13.84 11.39
C ARG A 290 2.56 -13.87 10.64
N THR A 291 3.14 -15.07 10.54
CA THR A 291 4.38 -15.30 9.84
C THR A 291 4.23 -14.93 8.36
N ALA A 292 3.12 -15.35 7.77
CA ALA A 292 2.81 -15.02 6.39
C ALA A 292 2.70 -13.50 6.14
N ALA A 293 2.07 -12.79 7.06
CA ALA A 293 1.97 -11.33 6.99
C ALA A 293 3.37 -10.69 6.96
N LEU A 294 4.25 -11.17 7.83
CA LEU A 294 5.62 -10.71 7.83
C LEU A 294 6.33 -11.00 6.50
N CYS A 295 6.24 -12.22 6.00
CA CYS A 295 6.85 -12.56 4.70
C CYS A 295 6.29 -11.70 3.57
N LEU A 296 5.02 -11.38 3.68
CA LEU A 296 4.37 -10.55 2.68
C LEU A 296 5.02 -9.15 2.58
N LYS A 297 5.24 -8.54 3.72
CA LYS A 297 5.84 -7.21 3.76
C LYS A 297 7.35 -7.25 3.39
N LEU A 298 8.05 -8.31 3.81
CA LEU A 298 9.46 -8.45 3.46
C LEU A 298 9.64 -8.57 1.95
N SER A 299 8.71 -9.26 1.32
CA SER A 299 8.69 -9.43 -0.14
C SER A 299 8.41 -8.12 -0.83
N GLU A 300 7.33 -7.46 -0.41
CA GLU A 300 7.03 -6.09 -0.82
C GLU A 300 8.29 -5.23 -0.84
N LEU A 301 9.01 -5.22 0.29
CA LEU A 301 10.25 -4.50 0.44
C LEU A 301 11.24 -4.92 -0.63
N GLU A 302 11.47 -6.23 -0.72
CA GLU A 302 12.44 -6.74 -1.68
C GLU A 302 12.11 -6.40 -3.14
N ILE A 303 10.84 -6.53 -3.50
CA ILE A 303 10.46 -6.26 -4.87
C ILE A 303 10.56 -4.75 -5.12
N LEU A 304 10.17 -3.96 -4.13
CA LEU A 304 10.21 -2.51 -4.28
C LEU A 304 11.64 -2.02 -4.54
N GLU A 305 12.60 -2.47 -3.74
CA GLU A 305 14.00 -2.09 -3.95
C GLU A 305 14.51 -2.54 -5.33
N GLU A 306 14.29 -3.80 -5.64
N GLU A 306 14.30 -3.80 -5.66
CA GLU A 306 14.73 -4.38 -6.91
CA GLU A 306 14.74 -4.34 -6.94
C GLU A 306 14.20 -3.62 -8.14
C GLU A 306 14.21 -3.62 -8.15
N GLU A 307 12.97 -3.14 -8.06
CA GLU A 307 12.29 -2.53 -9.21
C GLU A 307 12.60 -1.05 -9.40
N THR A 308 12.77 -0.35 -8.29
CA THR A 308 13.01 1.10 -8.34
C THR A 308 14.50 1.45 -8.26
N GLY A 309 15.34 0.47 -7.90
CA GLY A 309 16.74 0.74 -7.64
C GLY A 309 16.99 1.58 -6.39
N GLU A 310 15.95 1.87 -5.63
CA GLU A 310 16.09 2.68 -4.40
C GLU A 310 15.84 1.82 -3.16
N LYS A 311 16.50 2.18 -2.07
CA LYS A 311 16.31 1.45 -0.83
C LYS A 311 15.36 2.27 0.06
N PRO A 312 14.14 1.77 0.28
CA PRO A 312 13.08 2.44 1.04
C PRO A 312 13.38 2.64 2.53
N VAL A 313 12.60 3.53 3.13
CA VAL A 313 12.62 3.79 4.58
C VAL A 313 11.59 2.85 5.20
N LEU A 314 11.89 2.27 6.36
CA LEU A 314 10.94 1.30 6.92
C LEU A 314 10.19 1.85 8.13
N LEU A 315 8.87 1.70 8.12
CA LEU A 315 8.06 2.12 9.25
C LEU A 315 7.48 0.90 9.93
N LEU A 316 7.73 0.77 11.22
CA LEU A 316 7.21 -0.38 11.93
C LEU A 316 6.30 0.09 13.04
N ASP A 317 5.00 0.02 12.79
CA ASP A 317 4.04 0.56 13.73
C ASP A 317 3.63 -0.49 14.74
N ASP A 318 4.27 -0.44 15.91
CA ASP A 318 3.86 -1.24 17.06
C ASP A 318 3.85 -2.74 16.74
N VAL A 319 4.92 -3.20 16.12
CA VAL A 319 4.97 -4.57 15.63
C VAL A 319 5.93 -5.43 16.45
N MET A 320 6.67 -4.80 17.37
CA MET A 320 7.70 -5.54 18.11
C MET A 320 7.25 -6.17 19.44
N SER A 321 6.26 -5.59 20.09
CA SER A 321 5.98 -5.94 21.49
C SER A 321 5.49 -7.37 21.73
N GLU A 322 4.71 -7.93 20.81
CA GLU A 322 4.17 -9.27 21.03
C GLU A 322 5.01 -10.39 20.42
N LEU A 323 6.19 -10.04 19.92
CA LEU A 323 7.06 -11.03 19.29
C LEU A 323 7.96 -11.71 20.30
N ASP A 324 8.25 -12.99 20.05
CA ASP A 324 9.24 -13.69 20.85
C ASP A 324 10.63 -13.27 20.39
N ASP A 325 11.64 -13.64 21.16
CA ASP A 325 12.98 -13.09 20.97
C ASP A 325 13.63 -13.50 19.65
N ASN A 326 13.35 -14.70 19.20
CA ASN A 326 13.92 -15.18 17.97
C ASN A 326 13.35 -14.49 16.72
N ARG A 327 12.10 -14.09 16.82
CA ARG A 327 11.43 -13.38 15.72
C ARG A 327 11.80 -11.88 15.68
N LYS A 328 11.95 -11.29 16.87
CA LYS A 328 12.50 -9.94 16.97
C LYS A 328 13.89 -9.86 16.33
N LYS A 329 14.76 -10.79 16.73
CA LYS A 329 16.13 -10.85 16.22
C LYS A 329 16.14 -10.99 14.71
N TYR A 330 15.29 -11.87 14.18
CA TYR A 330 15.19 -12.04 12.74
C TYR A 330 14.81 -10.73 12.06
N ILE A 331 13.77 -10.08 12.57
CA ILE A 331 13.27 -8.86 11.93
C ILE A 331 14.31 -7.75 11.98
N LEU A 332 14.98 -7.63 13.13
CA LEU A 332 16.00 -6.62 13.26
C LEU A 332 17.15 -6.86 12.28
N LYS A 333 17.59 -8.10 12.17
CA LYS A 333 18.58 -8.46 11.17
C LYS A 333 18.18 -7.95 9.76
N LYS A 334 16.91 -8.06 9.43
CA LYS A 334 16.48 -7.70 8.08
C LYS A 334 16.39 -6.19 7.84
N LEU A 335 16.33 -5.38 8.89
CA LEU A 335 16.30 -3.92 8.70
C LEU A 335 17.70 -3.32 8.61
N GLU A 336 18.71 -4.18 8.58
CA GLU A 336 20.10 -3.83 8.76
C GLU A 336 20.51 -2.56 8.04
N GLY A 337 20.39 -2.54 6.72
CA GLY A 337 20.91 -1.40 5.99
C GLY A 337 19.94 -0.26 5.68
N PHE A 338 18.77 -0.29 6.30
CA PHE A 338 17.75 0.73 6.06
C PHE A 338 17.68 1.82 7.15
N GLN A 339 17.05 2.94 6.83
CA GLN A 339 16.54 3.81 7.89
C GLN A 339 15.22 3.22 8.35
N SER A 340 15.02 3.10 9.66
CA SER A 340 13.76 2.58 10.14
C SER A 340 13.25 3.37 11.34
N PHE A 341 11.94 3.38 11.46
CA PHE A 341 11.22 4.04 12.53
C PHE A 341 10.41 2.96 13.23
N ILE A 342 10.80 2.63 14.46
CA ILE A 342 10.14 1.58 15.22
C ILE A 342 9.43 2.16 16.43
N THR A 343 8.10 2.00 16.50
CA THR A 343 7.41 2.53 17.66
C THR A 343 7.35 1.45 18.71
N HIS A 344 7.47 1.85 19.97
CA HIS A 344 7.46 0.90 21.05
C HIS A 344 6.85 1.53 22.30
N THR A 345 6.43 0.72 23.27
CA THR A 345 6.02 1.29 24.55
C THR A 345 7.25 1.40 25.46
N SER A 346 8.29 0.64 25.14
CA SER A 346 9.48 0.56 25.98
C SER A 346 10.73 1.13 25.31
N LYS A 347 11.71 1.49 26.13
CA LYS A 347 12.96 2.05 25.66
C LYS A 347 14.02 0.96 25.55
N SER A 348 13.90 -0.04 26.41
CA SER A 348 14.94 -1.04 26.58
C SER A 348 14.93 -2.18 25.54
N ASP A 349 13.74 -2.64 25.17
CA ASP A 349 13.60 -3.91 24.45
C ASP A 349 14.43 -4.02 23.17
N VAL A 350 14.21 -3.11 22.23
CA VAL A 350 15.10 -3.02 21.08
C VAL A 350 15.90 -1.72 21.26
N GLU A 351 17.21 -1.77 21.00
CA GLU A 351 18.07 -0.65 21.39
C GLU A 351 17.81 0.58 20.52
N GLY A 352 18.15 0.53 19.24
CA GLY A 352 17.93 1.69 18.39
C GLY A 352 19.13 2.62 18.35
N ASP A 353 19.41 3.19 17.18
CA ASP A 353 20.57 4.06 16.98
C ASP A 353 20.31 5.45 17.54
N CYS A 354 19.05 5.88 17.43
CA CYS A 354 18.54 7.07 18.09
C CYS A 354 17.27 6.69 18.79
N CYS A 355 17.09 7.26 19.96
CA CYS A 355 15.87 7.01 20.70
C CYS A 355 15.11 8.32 20.93
N PHE A 356 13.79 8.27 20.73
CA PHE A 356 12.91 9.42 20.93
C PHE A 356 11.77 9.07 21.88
N LYS A 357 11.45 10.01 22.75
CA LYS A 357 10.33 9.84 23.65
C LYS A 357 9.23 10.76 23.20
N ILE A 358 8.02 10.25 23.07
CA ILE A 358 6.92 11.10 22.71
C ILE A 358 5.93 11.16 23.88
N TYR A 359 5.55 12.36 24.28
CA TYR A 359 4.54 12.52 25.32
C TYR A 359 3.81 13.81 25.08
N ASP A 360 2.47 13.79 25.21
CA ASP A 360 1.63 14.96 24.91
C ASP A 360 2.03 15.45 23.52
N GLY A 361 2.40 14.54 22.63
CA GLY A 361 2.52 14.90 21.23
C GLY A 361 3.69 15.77 20.84
N ILE A 362 4.70 15.76 21.68
CA ILE A 362 5.95 16.44 21.50
C ILE A 362 6.95 15.33 21.40
N VAL A 363 7.83 15.31 20.43
CA VAL A 363 8.84 14.26 20.36
C VAL A 363 10.18 14.80 20.78
N ASP A 364 10.76 14.20 21.80
CA ASP A 364 12.05 14.68 22.26
C ASP A 364 13.04 13.53 22.20
N LYS A 365 14.28 13.87 21.85
CA LYS A 365 15.34 12.92 21.69
C LYS A 365 15.96 12.48 23.01
N LEU A 366 16.45 11.23 22.99
CA LEU A 366 17.14 10.47 24.05
C LEU A 366 16.16 9.81 25.00
N ALA A 367 15.28 10.57 25.65
CA ALA A 367 14.14 10.02 26.41
C ALA A 367 13.34 11.11 27.10
#